data_7LF8
#
_entry.id   7LF8
#
_cell.length_a   97.903
_cell.length_b   154.290
_cell.length_c   88.054
_cell.angle_alpha   90.000
_cell.angle_beta   90.000
_cell.angle_gamma   90.000
#
_symmetry.space_group_name_H-M   'C 2 2 21'
#
loop_
_entity.id
_entity.type
_entity.pdbx_description
1 polymer 'Apolipoprotein L2'
2 polymer 'Fab 6D12 heavy chain'
3 polymer 'Fab 6D12 light chain'
4 non-polymer 'PHOSPHATE ION'
5 non-polymer GLYCEROL
6 water water
#
loop_
_entity_poly.entity_id
_entity_poly.type
_entity_poly.pdbx_seq_one_letter_code
_entity_poly.pdbx_strand_id
1 'polypeptide(L)'
;MHHHHHHGENLYFQGSNPESSIFIEDYLKYFQDQVSRENLLQLLTDDEAWNGFVAAAELPRDEADELRKALNKLASHMVM
KDKNRHDKDQQHRQWFLKEFPRLKRELEDHIRKLRALAEEVEQVHRGT
;
A
2 'polypeptide(L)'
;EVMLVESGGGLVRPGGSLKLSCTASGFTFSRCAMSWVRQTPEKRLEWVSAISRDS(TPO)YTYYSDSVKGRFTVSRDNAK
NTLYLQMSSLRSEDTAMYYCARQIDDYYVDALDYWGQGTSVTVSSASTKGPSVFPLAPSSKSTSGGTAALGCLVKDYFPE
PVTVSWNSGALTSGVHTFPAVLQSSGLYSLSSVVTVPSSSLGTQTYICNVNHKPSNTKVDKKVEPKSCD
;
H
3 'polypeptide(L)'
;DVQITQSPSYLAASPGETITINCRASKIISKYLAWYQEKPGKTIKLLIYSGFTLQSGIPSRFSGSGSGTDFTLTISSLEP
EDFAMYYCQQHNEYPLTFGAGTKLEIKRTVAAPSVFIFPPSDEQLKSGTASVVCLLNNFYPREAKVQWKVDNALQSGNSQ
ESVTEQDSKDSTYSLSSTLTLSKADYEKHKVYACEVTHQGLSSPVTKSFNRGEC
;
L
#
# COMPACT_ATOMS: atom_id res chain seq x y z
N SER A 21 -25.16 -25.87 -5.82
CA SER A 21 -25.06 -25.37 -7.19
C SER A 21 -25.40 -26.50 -8.19
N ILE A 22 -25.39 -26.17 -9.49
CA ILE A 22 -25.65 -27.15 -10.55
C ILE A 22 -24.43 -28.07 -10.75
N PHE A 23 -23.19 -27.53 -10.62
CA PHE A 23 -21.95 -28.30 -10.78
C PHE A 23 -21.81 -29.41 -9.73
N ILE A 24 -22.32 -29.17 -8.50
CA ILE A 24 -22.31 -30.18 -7.44
C ILE A 24 -23.27 -31.29 -7.85
N GLU A 25 -24.45 -30.92 -8.41
CA GLU A 25 -25.44 -31.89 -8.88
C GLU A 25 -24.89 -32.70 -10.06
N ASP A 26 -24.02 -32.09 -10.93
CA ASP A 26 -23.36 -32.80 -12.04
C ASP A 26 -22.37 -33.82 -11.49
N TYR A 27 -21.60 -33.46 -10.44
CA TYR A 27 -20.69 -34.40 -9.78
C TYR A 27 -21.47 -35.54 -9.14
N LEU A 28 -22.66 -35.23 -8.58
CA LEU A 28 -23.51 -36.24 -7.98
C LEU A 28 -24.05 -37.23 -9.01
N LYS A 29 -24.63 -36.75 -10.14
CA LYS A 29 -25.13 -37.66 -11.18
C LYS A 29 -23.99 -38.45 -11.80
N TYR A 30 -22.79 -37.86 -11.95
CA TYR A 30 -21.62 -38.56 -12.45
C TYR A 30 -21.16 -39.64 -11.47
N PHE A 31 -21.08 -39.32 -10.17
CA PHE A 31 -20.60 -40.31 -9.17
C PHE A 31 -21.59 -41.48 -8.97
N GLN A 32 -22.91 -41.23 -9.08
CA GLN A 32 -23.92 -42.30 -8.95
C GLN A 32 -23.86 -43.29 -10.13
N ASP A 33 -24.04 -42.76 -11.35
CA ASP A 33 -24.15 -43.53 -12.59
C ASP A 33 -22.86 -44.06 -13.21
N GLN A 34 -21.66 -43.55 -12.84
CA GLN A 34 -20.42 -43.96 -13.51
C GLN A 34 -19.26 -44.43 -12.59
N VAL A 35 -19.43 -44.40 -11.24
CA VAL A 35 -18.37 -44.76 -10.30
C VAL A 35 -18.85 -45.84 -9.32
N SER A 36 -18.05 -46.93 -9.15
CA SER A 36 -18.37 -48.04 -8.24
C SER A 36 -18.14 -47.61 -6.79
N ARG A 37 -18.91 -48.17 -5.84
CA ARG A 37 -18.77 -47.84 -4.42
C ARG A 37 -17.37 -48.21 -3.87
N GLU A 38 -16.68 -49.20 -4.47
CA GLU A 38 -15.31 -49.55 -4.08
C GLU A 38 -14.34 -48.40 -4.50
N ASN A 39 -14.56 -47.82 -5.71
CA ASN A 39 -13.76 -46.69 -6.21
C ASN A 39 -14.11 -45.39 -5.47
N LEU A 40 -15.41 -45.19 -5.12
CA LEU A 40 -15.87 -44.01 -4.39
C LEU A 40 -15.37 -44.05 -2.95
N LEU A 41 -15.35 -45.23 -2.30
CA LEU A 41 -14.86 -45.35 -0.93
C LEU A 41 -13.35 -45.28 -0.88
N GLN A 42 -12.64 -45.67 -1.95
CA GLN A 42 -11.18 -45.53 -2.01
C GLN A 42 -10.79 -44.04 -2.06
N LEU A 43 -11.68 -43.16 -2.58
CA LEU A 43 -11.51 -41.69 -2.68
C LEU A 43 -11.84 -41.00 -1.35
N LEU A 44 -12.97 -41.38 -0.72
CA LEU A 44 -13.39 -40.79 0.55
C LEU A 44 -12.51 -41.24 1.73
N THR A 45 -11.92 -42.44 1.65
CA THR A 45 -11.01 -42.96 2.70
C THR A 45 -9.57 -42.43 2.55
N ASP A 46 -9.08 -42.22 1.30
CA ASP A 46 -7.70 -41.76 1.05
C ASP A 46 -7.63 -40.24 0.79
N ASP A 47 -7.08 -39.47 1.75
CA ASP A 47 -6.94 -38.03 1.58
C ASP A 47 -5.95 -37.65 0.44
N GLU A 48 -4.96 -38.51 0.12
CA GLU A 48 -4.01 -38.26 -0.98
C GLU A 48 -4.74 -38.21 -2.32
N ALA A 49 -5.68 -39.13 -2.51
CA ALA A 49 -6.48 -39.21 -3.72
C ALA A 49 -7.45 -38.02 -3.78
N TRP A 50 -8.13 -37.71 -2.67
CA TRP A 50 -9.10 -36.62 -2.56
C TRP A 50 -8.48 -35.27 -2.91
N ASN A 51 -7.30 -34.97 -2.35
CA ASN A 51 -6.59 -33.70 -2.61
C ASN A 51 -6.22 -33.59 -4.11
N GLY A 52 -5.77 -34.69 -4.70
CA GLY A 52 -5.45 -34.75 -6.12
C GLY A 52 -6.65 -34.50 -7.01
N PHE A 53 -7.83 -34.95 -6.57
CA PHE A 53 -9.09 -34.77 -7.29
C PHE A 53 -9.57 -33.29 -7.28
N VAL A 54 -9.63 -32.63 -6.08
CA VAL A 54 -10.12 -31.24 -5.96
C VAL A 54 -9.18 -30.22 -6.61
N ALA A 55 -7.85 -30.45 -6.52
CA ALA A 55 -6.84 -29.59 -7.16
C ALA A 55 -6.97 -29.75 -8.69
N ALA A 56 -7.08 -31.00 -9.19
CA ALA A 56 -7.30 -31.30 -10.62
C ALA A 56 -8.59 -30.65 -11.18
N ALA A 57 -9.66 -30.69 -10.40
CA ALA A 57 -10.95 -30.09 -10.72
C ALA A 57 -10.99 -28.56 -10.48
N GLU A 58 -10.02 -28.01 -9.71
CA GLU A 58 -9.90 -26.58 -9.34
C GLU A 58 -11.17 -26.11 -8.62
N LEU A 59 -11.54 -26.85 -7.60
CA LEU A 59 -12.76 -26.56 -6.86
C LEU A 59 -12.52 -25.52 -5.82
N PRO A 60 -13.42 -24.50 -5.68
CA PRO A 60 -13.34 -23.62 -4.51
C PRO A 60 -13.47 -24.50 -3.24
N ARG A 61 -12.77 -24.16 -2.16
CA ARG A 61 -12.81 -24.95 -0.93
C ARG A 61 -14.21 -25.20 -0.35
N ASP A 62 -15.15 -24.23 -0.45
CA ASP A 62 -16.52 -24.40 0.09
C ASP A 62 -17.32 -25.46 -0.70
N GLU A 63 -17.13 -25.55 -2.03
CA GLU A 63 -17.78 -26.57 -2.87
C GLU A 63 -17.13 -27.92 -2.64
N ALA A 64 -15.81 -27.98 -2.42
CA ALA A 64 -15.12 -29.22 -2.08
C ALA A 64 -15.66 -29.78 -0.74
N ASP A 65 -15.98 -28.89 0.24
CA ASP A 65 -16.59 -29.29 1.53
C ASP A 65 -17.99 -29.84 1.33
N GLU A 66 -18.81 -29.11 0.52
CA GLU A 66 -20.20 -29.50 0.21
C GLU A 66 -20.22 -30.85 -0.51
N LEU A 67 -19.36 -31.01 -1.52
CA LEU A 67 -19.24 -32.24 -2.30
C LEU A 67 -18.79 -33.39 -1.42
N ARG A 68 -17.78 -33.22 -0.57
CA ARG A 68 -17.35 -34.31 0.31
C ARG A 68 -18.46 -34.74 1.29
N LYS A 69 -19.27 -33.80 1.78
CA LYS A 69 -20.39 -34.09 2.68
C LYS A 69 -21.47 -34.84 1.90
N ALA A 70 -21.71 -34.40 0.64
CA ALA A 70 -22.70 -35.01 -0.25
C ALA A 70 -22.28 -36.44 -0.68
N LEU A 71 -20.99 -36.63 -1.07
CA LEU A 71 -20.49 -37.95 -1.47
C LEU A 71 -20.43 -38.94 -0.28
N ASN A 72 -20.32 -38.42 0.97
CA ASN A 72 -20.34 -39.27 2.18
C ASN A 72 -21.78 -39.71 2.46
N LYS A 73 -22.77 -38.82 2.22
CA LYS A 73 -24.20 -39.13 2.36
C LYS A 73 -24.62 -40.18 1.31
N LEU A 74 -24.14 -40.04 0.08
CA LEU A 74 -24.40 -40.97 -1.02
C LEU A 74 -23.72 -42.32 -0.80
N ALA A 75 -22.44 -42.34 -0.40
CA ALA A 75 -21.70 -43.61 -0.22
C ALA A 75 -22.27 -44.50 0.87
N SER A 76 -22.74 -43.91 1.99
CA SER A 76 -23.36 -44.65 3.10
C SER A 76 -24.66 -45.36 2.66
N HIS A 77 -25.40 -44.79 1.67
CA HIS A 77 -26.64 -45.39 1.16
C HIS A 77 -26.32 -46.54 0.20
N GLU B 1 13.54 -20.93 12.50
CA GLU B 1 13.35 -19.59 11.94
C GLU B 1 13.17 -19.59 10.40
N VAL B 2 11.90 -19.35 9.94
CA VAL B 2 11.56 -19.29 8.51
C VAL B 2 12.11 -17.98 7.92
N MET B 3 12.74 -18.07 6.73
CA MET B 3 13.38 -16.94 6.07
C MET B 3 13.04 -16.92 4.56
N LEU B 4 12.46 -15.81 4.04
CA LEU B 4 12.11 -15.63 2.63
C LEU B 4 12.83 -14.36 2.13
N VAL B 5 13.80 -14.53 1.23
CA VAL B 5 14.54 -13.40 0.68
C VAL B 5 14.32 -13.28 -0.82
N GLU B 6 13.81 -12.13 -1.26
CA GLU B 6 13.55 -11.90 -2.68
C GLU B 6 14.59 -10.95 -3.26
N SER B 7 14.88 -11.13 -4.55
CA SER B 7 15.85 -10.28 -5.22
C SER B 7 15.57 -10.23 -6.72
N GLY B 8 16.30 -9.38 -7.43
CA GLY B 8 16.13 -9.22 -8.88
C GLY B 8 15.27 -8.05 -9.29
N GLY B 9 14.79 -7.27 -8.33
CA GLY B 9 13.98 -6.09 -8.59
C GLY B 9 14.82 -4.95 -9.13
N GLY B 10 14.17 -4.05 -9.84
CA GLY B 10 14.85 -2.89 -10.37
C GLY B 10 13.97 -2.03 -11.23
N LEU B 11 14.60 -1.28 -12.11
CA LEU B 11 13.94 -0.38 -13.01
C LEU B 11 13.86 -1.04 -14.39
N VAL B 12 12.69 -0.97 -15.04
CA VAL B 12 12.47 -1.59 -16.38
C VAL B 12 11.65 -0.64 -17.24
N ARG B 13 11.82 -0.73 -18.55
CA ARG B 13 11.08 0.11 -19.48
C ARG B 13 9.77 -0.58 -19.80
N PRO B 14 8.72 0.19 -20.14
CA PRO B 14 7.47 -0.45 -20.61
C PRO B 14 7.75 -1.38 -21.81
N GLY B 15 7.19 -2.58 -21.75
CA GLY B 15 7.43 -3.61 -22.77
C GLY B 15 8.60 -4.52 -22.46
N GLY B 16 9.40 -4.18 -21.45
CA GLY B 16 10.57 -4.97 -21.08
C GLY B 16 10.29 -6.21 -20.26
N SER B 17 11.38 -6.88 -19.87
CA SER B 17 11.38 -8.11 -19.09
C SER B 17 12.24 -7.99 -17.81
N LEU B 18 11.93 -8.83 -16.80
CA LEU B 18 12.62 -8.88 -15.52
C LEU B 18 12.37 -10.23 -14.84
N LYS B 19 13.38 -10.80 -14.15
CA LYS B 19 13.27 -12.09 -13.46
C LYS B 19 13.51 -11.95 -11.93
N LEU B 20 12.43 -12.02 -11.13
CA LEU B 20 12.52 -11.94 -9.67
C LEU B 20 12.78 -13.34 -9.17
N SER B 21 13.44 -13.47 -8.04
CA SER B 21 13.78 -14.76 -7.48
C SER B 21 13.62 -14.69 -5.97
N CYS B 22 13.34 -15.82 -5.33
CA CYS B 22 13.16 -15.83 -3.88
C CYS B 22 13.76 -17.13 -3.32
N THR B 23 14.75 -17.02 -2.42
CA THR B 23 15.41 -18.16 -1.80
C THR B 23 14.80 -18.34 -0.40
N ALA B 24 14.48 -19.58 -0.01
CA ALA B 24 13.84 -19.85 1.26
C ALA B 24 14.70 -20.71 2.19
N SER B 25 14.49 -20.56 3.51
CA SER B 25 15.21 -21.33 4.53
C SER B 25 14.43 -21.44 5.83
N GLY B 26 14.79 -22.43 6.66
CA GLY B 26 14.17 -22.69 7.95
C GLY B 26 12.98 -23.64 7.88
N PHE B 27 12.75 -24.26 6.72
CA PHE B 27 11.65 -25.18 6.50
C PHE B 27 11.91 -25.96 5.23
N THR B 28 11.24 -27.10 5.08
CA THR B 28 11.40 -27.95 3.90
C THR B 28 10.55 -27.33 2.78
N PHE B 29 11.22 -26.58 1.89
CA PHE B 29 10.63 -25.88 0.76
C PHE B 29 9.81 -26.77 -0.19
N SER B 30 10.31 -28.01 -0.46
CA SER B 30 9.63 -28.98 -1.34
C SER B 30 8.23 -29.43 -0.89
N ARG B 31 7.87 -29.24 0.40
CA ARG B 31 6.55 -29.62 0.91
C ARG B 31 5.54 -28.47 0.92
N CYS B 32 5.85 -27.30 0.30
CA CYS B 32 5.00 -26.11 0.37
C CYS B 32 4.63 -25.47 -0.95
N ALA B 33 3.36 -24.99 -1.04
CA ALA B 33 2.86 -24.20 -2.17
C ALA B 33 3.25 -22.75 -1.87
N MET B 34 3.70 -22.00 -2.89
CA MET B 34 4.14 -20.61 -2.74
C MET B 34 3.26 -19.68 -3.58
N SER B 35 3.15 -18.41 -3.17
CA SER B 35 2.38 -17.37 -3.87
C SER B 35 3.23 -16.14 -4.11
N TRP B 36 2.90 -15.34 -5.11
CA TRP B 36 3.55 -14.04 -5.36
C TRP B 36 2.44 -13.00 -5.16
N VAL B 37 2.70 -12.02 -4.27
CA VAL B 37 1.76 -10.92 -3.99
C VAL B 37 2.52 -9.64 -4.28
N ARG B 38 1.82 -8.58 -4.68
CA ARG B 38 2.45 -7.30 -4.93
C ARG B 38 1.65 -6.18 -4.26
N GLN B 39 2.33 -5.14 -3.78
CA GLN B 39 1.72 -3.99 -3.11
C GLN B 39 2.01 -2.80 -3.98
N THR B 40 0.95 -2.13 -4.45
CA THR B 40 1.08 -0.99 -5.36
C THR B 40 1.45 0.29 -4.58
N PRO B 41 1.86 1.39 -5.29
CA PRO B 41 2.16 2.65 -4.58
C PRO B 41 0.93 3.28 -3.92
N GLU B 42 -0.28 2.97 -4.40
CA GLU B 42 -1.54 3.36 -3.75
C GLU B 42 -1.87 2.45 -2.51
N LYS B 43 -0.93 1.55 -2.11
CA LYS B 43 -0.97 0.64 -0.97
C LYS B 43 -1.95 -0.58 -1.13
N ARG B 44 -2.53 -0.84 -2.32
CA ARG B 44 -3.38 -2.01 -2.54
C ARG B 44 -2.56 -3.27 -2.65
N LEU B 45 -3.02 -4.35 -1.99
CA LEU B 45 -2.41 -5.66 -2.08
C LEU B 45 -3.12 -6.39 -3.22
N GLU B 46 -2.35 -7.10 -4.05
CA GLU B 46 -2.84 -7.81 -5.23
C GLU B 46 -2.07 -9.10 -5.42
N TRP B 47 -2.78 -10.22 -5.39
CA TRP B 47 -2.18 -11.52 -5.63
C TRP B 47 -1.78 -11.64 -7.14
N VAL B 48 -0.57 -12.11 -7.42
CA VAL B 48 -0.03 -12.18 -8.79
C VAL B 48 -0.11 -13.61 -9.36
N SER B 49 0.55 -14.53 -8.69
CA SER B 49 0.70 -15.89 -9.16
C SER B 49 0.92 -16.86 -8.03
N ALA B 50 0.77 -18.18 -8.30
CA ALA B 50 1.07 -19.25 -7.33
C ALA B 50 1.52 -20.52 -8.05
N ILE B 51 2.40 -21.30 -7.41
CA ILE B 51 2.92 -22.56 -7.94
C ILE B 51 2.76 -23.61 -6.88
N SER B 52 2.41 -24.84 -7.29
CA SER B 52 2.19 -25.95 -6.37
C SER B 52 3.49 -26.59 -5.89
N ARG B 53 3.39 -27.30 -4.76
CA ARG B 53 4.43 -28.07 -4.06
C ARG B 53 5.51 -28.62 -5.00
N ASP B 54 5.13 -29.30 -6.07
CA ASP B 54 6.05 -29.93 -7.02
C ASP B 54 5.83 -29.45 -8.47
N SER B 55 5.58 -28.14 -8.68
CA SER B 55 5.43 -27.49 -10.00
C SER B 55 4.32 -28.08 -10.90
N TYR B 57 1.00 -27.59 -10.84
CA TYR B 57 -0.05 -26.62 -11.15
C TYR B 57 0.47 -25.22 -10.94
N THR B 58 0.13 -24.30 -11.86
CA THR B 58 0.52 -22.89 -11.77
C THR B 58 -0.75 -22.09 -11.90
N TYR B 59 -0.80 -20.92 -11.27
CA TYR B 59 -1.98 -20.05 -11.23
C TYR B 59 -1.56 -18.62 -11.41
N TYR B 60 -2.32 -17.82 -12.17
CA TYR B 60 -1.98 -16.42 -12.48
C TYR B 60 -3.21 -15.59 -12.37
N SER B 61 -3.05 -14.30 -12.06
CA SER B 61 -4.23 -13.42 -12.01
C SER B 61 -4.54 -12.92 -13.43
N ASP B 62 -5.77 -12.44 -13.63
CA ASP B 62 -6.27 -11.94 -14.93
C ASP B 62 -5.35 -10.90 -15.59
N SER B 63 -4.85 -9.93 -14.82
CA SER B 63 -4.01 -8.86 -15.36
C SER B 63 -2.62 -9.32 -15.83
N VAL B 64 -2.14 -10.41 -15.27
CA VAL B 64 -0.80 -10.92 -15.46
C VAL B 64 -0.74 -12.19 -16.38
N LYS B 65 -1.87 -12.88 -16.65
CA LYS B 65 -1.86 -14.12 -17.44
C LYS B 65 -1.34 -13.96 -18.90
N GLY B 66 -0.39 -14.81 -19.28
CA GLY B 66 0.21 -14.79 -20.61
C GLY B 66 1.53 -14.06 -20.72
N ARG B 67 1.84 -13.19 -19.74
CA ARG B 67 3.08 -12.41 -19.72
C ARG B 67 4.03 -12.94 -18.64
N PHE B 68 3.51 -13.23 -17.43
CA PHE B 68 4.36 -13.71 -16.34
C PHE B 68 4.33 -15.23 -16.33
N THR B 69 5.42 -15.87 -15.84
CA THR B 69 5.52 -17.31 -15.69
C THR B 69 6.22 -17.61 -14.34
N VAL B 70 5.54 -18.36 -13.45
CA VAL B 70 6.08 -18.74 -12.14
C VAL B 70 6.78 -20.09 -12.27
N SER B 71 7.89 -20.29 -11.55
CA SER B 71 8.64 -21.55 -11.58
C SER B 71 9.40 -21.73 -10.27
N ARG B 72 9.95 -22.92 -10.02
CA ARG B 72 10.71 -23.18 -8.79
C ARG B 72 11.74 -24.27 -8.99
N ASP B 73 12.76 -24.25 -8.13
CA ASP B 73 13.83 -25.24 -8.11
C ASP B 73 13.95 -25.70 -6.67
N ASN B 74 13.38 -26.88 -6.34
CA ASN B 74 13.42 -27.42 -4.97
C ASN B 74 14.82 -27.87 -4.53
N ALA B 75 15.74 -28.17 -5.49
CA ALA B 75 17.11 -28.55 -5.18
C ALA B 75 17.87 -27.32 -4.68
N LYS B 76 17.69 -26.19 -5.36
CA LYS B 76 18.32 -24.92 -5.01
C LYS B 76 17.47 -24.04 -4.02
N ASN B 77 16.30 -24.54 -3.52
CA ASN B 77 15.41 -23.82 -2.56
C ASN B 77 14.97 -22.45 -3.03
N THR B 78 14.71 -22.32 -4.34
CA THR B 78 14.37 -21.06 -4.98
C THR B 78 13.02 -21.12 -5.70
N LEU B 79 12.38 -19.95 -5.78
CA LEU B 79 11.10 -19.70 -6.45
C LEU B 79 11.38 -18.55 -7.40
N TYR B 80 10.81 -18.55 -8.61
CA TYR B 80 11.04 -17.47 -9.59
C TYR B 80 9.76 -16.90 -10.17
N LEU B 81 9.84 -15.65 -10.63
CA LEU B 81 8.78 -14.98 -11.37
C LEU B 81 9.41 -14.25 -12.60
N GLN B 82 9.29 -14.86 -13.78
CA GLN B 82 9.75 -14.24 -15.02
C GLN B 82 8.62 -13.32 -15.46
N MET B 83 8.91 -12.05 -15.69
CA MET B 83 7.91 -11.04 -16.09
C MET B 83 8.26 -10.56 -17.51
N SER B 84 7.26 -10.25 -18.34
CA SER B 84 7.47 -9.75 -19.71
C SER B 84 6.34 -8.78 -20.07
N SER B 85 6.43 -8.10 -21.24
CA SER B 85 5.46 -7.09 -21.70
C SER B 85 5.03 -6.20 -20.51
N LEU B 86 6.04 -5.74 -19.73
CA LEU B 86 5.81 -4.98 -18.51
C LEU B 86 5.05 -3.67 -18.76
N ARG B 87 4.14 -3.34 -17.84
CA ARG B 87 3.31 -2.14 -17.89
C ARG B 87 3.61 -1.25 -16.70
N SER B 88 3.31 0.04 -16.81
CA SER B 88 3.48 0.97 -15.69
C SER B 88 2.66 0.47 -14.50
N GLU B 89 1.49 -0.19 -14.77
CA GLU B 89 0.57 -0.83 -13.80
C GLU B 89 1.24 -1.91 -12.91
N ASP B 90 2.38 -2.48 -13.35
CA ASP B 90 3.13 -3.50 -12.62
C ASP B 90 4.13 -2.87 -11.64
N THR B 91 4.22 -1.53 -11.57
CA THR B 91 5.08 -0.85 -10.58
C THR B 91 4.51 -1.20 -9.20
N ALA B 92 5.29 -1.95 -8.39
CA ALA B 92 4.88 -2.40 -7.07
C ALA B 92 6.05 -3.05 -6.30
N MET B 93 5.81 -3.41 -5.05
CA MET B 93 6.75 -4.14 -4.23
C MET B 93 6.28 -5.57 -4.35
N TYR B 94 7.15 -6.51 -4.73
CA TYR B 94 6.75 -7.92 -4.94
C TYR B 94 7.21 -8.83 -3.79
N TYR B 95 6.27 -9.62 -3.22
CA TYR B 95 6.56 -10.54 -2.13
C TYR B 95 6.27 -12.00 -2.46
N CYS B 96 7.25 -12.90 -2.25
CA CYS B 96 7.03 -14.34 -2.25
C CYS B 96 6.44 -14.64 -0.83
N ALA B 97 5.37 -15.43 -0.78
CA ALA B 97 4.69 -15.78 0.47
C ALA B 97 4.40 -17.29 0.48
N ARG B 98 4.52 -17.92 1.66
CA ARG B 98 4.26 -19.34 1.84
C ARG B 98 2.79 -19.55 2.20
N GLN B 99 2.15 -20.56 1.60
CA GLN B 99 0.77 -20.84 1.96
C GLN B 99 0.70 -21.89 3.10
N ILE B 100 -0.39 -21.81 3.88
CA ILE B 100 -0.74 -22.83 4.88
C ILE B 100 -1.09 -24.12 4.08
N ASP B 101 -0.73 -25.32 4.60
CA ASP B 101 -0.95 -26.58 3.87
C ASP B 101 -2.19 -27.40 4.32
N ASP B 102 -3.39 -26.76 4.39
CA ASP B 102 -4.66 -27.43 4.69
C ASP B 102 -5.47 -27.68 3.39
N TYR B 103 -5.15 -26.96 2.31
CA TYR B 103 -5.86 -27.06 1.03
C TYR B 103 -4.92 -26.53 -0.03
N TYR B 104 -5.11 -26.91 -1.31
CA TYR B 104 -4.22 -26.47 -2.40
C TYR B 104 -4.16 -24.93 -2.57
N VAL B 105 -5.23 -24.23 -2.17
CA VAL B 105 -5.33 -22.78 -2.14
C VAL B 105 -5.54 -22.40 -0.66
N ASP B 106 -4.69 -21.54 -0.08
CA ASP B 106 -4.83 -21.20 1.36
C ASP B 106 -4.20 -19.85 1.71
N ALA B 107 -4.41 -19.42 2.97
CA ALA B 107 -3.85 -18.19 3.57
C ALA B 107 -2.33 -18.27 3.53
N LEU B 108 -1.69 -17.09 3.57
CA LEU B 108 -0.24 -16.90 3.46
C LEU B 108 0.32 -16.64 4.86
N ASP B 109 0.94 -17.67 5.48
CA ASP B 109 1.43 -17.58 6.86
C ASP B 109 2.81 -16.98 7.01
N TYR B 110 3.63 -16.87 5.94
CA TYR B 110 4.97 -16.25 6.00
C TYR B 110 5.24 -15.42 4.75
N TRP B 111 5.67 -14.18 4.92
CA TRP B 111 5.97 -13.24 3.82
C TRP B 111 7.43 -12.80 3.92
N GLY B 112 8.04 -12.47 2.78
CA GLY B 112 9.40 -11.96 2.74
C GLY B 112 9.39 -10.44 2.84
N GLN B 113 10.57 -9.81 2.85
CA GLN B 113 10.67 -8.35 3.02
C GLN B 113 10.24 -7.52 1.79
N GLY B 114 10.31 -8.11 0.61
CA GLY B 114 9.92 -7.50 -0.64
C GLY B 114 11.09 -7.10 -1.53
N THR B 115 10.80 -6.88 -2.83
CA THR B 115 11.76 -6.43 -3.85
C THR B 115 10.99 -5.43 -4.73
N SER B 116 11.53 -4.22 -4.89
CA SER B 116 10.83 -3.14 -5.63
C SER B 116 11.08 -3.20 -7.15
N VAL B 117 10.00 -3.10 -7.94
CA VAL B 117 10.03 -3.09 -9.41
C VAL B 117 9.36 -1.77 -9.85
N THR B 118 9.97 -1.05 -10.81
CA THR B 118 9.43 0.21 -11.34
C THR B 118 9.46 0.10 -12.87
N VAL B 119 8.30 0.26 -13.51
CA VAL B 119 8.20 0.20 -14.97
C VAL B 119 7.94 1.63 -15.41
N SER B 120 8.89 2.22 -16.14
CA SER B 120 8.75 3.61 -16.59
C SER B 120 9.69 3.96 -17.77
N SER B 121 9.20 4.86 -18.65
CA SER B 121 9.94 5.35 -19.82
C SER B 121 11.01 6.38 -19.42
N ALA B 122 10.76 7.14 -18.32
CA ALA B 122 11.66 8.17 -17.80
C ALA B 122 13.08 7.67 -17.56
N SER B 123 14.04 8.59 -17.63
CA SER B 123 15.47 8.33 -17.45
C SER B 123 15.98 8.97 -16.14
N THR B 124 17.08 8.39 -15.59
CA THR B 124 17.66 8.87 -14.32
C THR B 124 17.98 10.35 -14.42
N LYS B 125 17.40 11.13 -13.51
CA LYS B 125 17.54 12.59 -13.48
C LYS B 125 17.62 13.04 -12.03
N GLY B 126 18.54 13.96 -11.74
CA GLY B 126 18.71 14.51 -10.41
C GLY B 126 17.68 15.58 -10.15
N PRO B 127 17.42 15.96 -8.89
CA PRO B 127 16.39 17.00 -8.67
C PRO B 127 16.87 18.42 -8.82
N SER B 128 15.92 19.33 -9.07
CA SER B 128 16.16 20.77 -9.00
C SER B 128 15.68 21.12 -7.57
N VAL B 129 16.48 21.85 -6.78
CA VAL B 129 16.10 22.20 -5.39
C VAL B 129 15.84 23.71 -5.33
N PHE B 130 14.59 24.11 -5.02
CA PHE B 130 14.17 25.52 -4.95
C PHE B 130 13.79 25.86 -3.50
N PRO B 131 13.96 27.12 -3.04
CA PRO B 131 13.59 27.42 -1.65
C PRO B 131 12.13 27.83 -1.48
N LEU B 132 11.60 27.61 -0.28
CA LEU B 132 10.26 28.03 0.13
C LEU B 132 10.58 29.01 1.26
N ALA B 133 10.91 30.24 0.86
CA ALA B 133 11.36 31.32 1.75
C ALA B 133 10.25 31.84 2.67
N PRO B 134 10.56 32.17 3.96
CA PRO B 134 9.50 32.66 4.86
C PRO B 134 9.10 34.16 4.72
N SER B 135 8.15 34.59 5.59
CA SER B 135 7.49 35.91 5.78
C SER B 135 6.32 36.17 4.81
N SER B 136 5.09 35.84 5.29
CA SER B 136 3.77 35.95 4.65
C SER B 136 2.70 35.43 5.61
N GLY B 142 3.95 34.39 15.90
CA GLY B 142 5.38 34.34 16.22
C GLY B 142 6.13 33.09 15.78
N THR B 143 5.54 32.27 14.88
CA THR B 143 6.15 31.05 14.32
C THR B 143 6.23 31.22 12.82
N ALA B 144 7.36 30.84 12.23
CA ALA B 144 7.60 30.97 10.79
C ALA B 144 7.78 29.60 10.15
N ALA B 145 7.41 29.48 8.87
CA ALA B 145 7.53 28.24 8.09
C ALA B 145 8.40 28.48 6.86
N LEU B 146 9.29 27.54 6.59
CA LEU B 146 10.17 27.59 5.44
C LEU B 146 10.46 26.16 4.95
N GLY B 147 11.04 26.04 3.78
CA GLY B 147 11.33 24.72 3.26
C GLY B 147 12.02 24.73 1.91
N CYS B 148 11.96 23.60 1.24
CA CYS B 148 12.48 23.50 -0.11
C CYS B 148 11.74 22.47 -0.90
N LEU B 149 11.62 22.76 -2.18
CA LEU B 149 10.88 21.96 -3.12
C LEU B 149 11.89 21.19 -3.95
N VAL B 150 11.93 19.85 -3.80
CA VAL B 150 12.81 18.94 -4.53
C VAL B 150 11.97 18.45 -5.73
N LYS B 151 12.20 19.03 -6.91
CA LYS B 151 11.38 18.78 -8.09
C LYS B 151 12.08 18.07 -9.27
N ASP B 152 11.30 17.27 -10.03
CA ASP B 152 11.69 16.58 -11.26
C ASP B 152 12.92 15.67 -11.15
N TYR B 153 12.83 14.62 -10.32
CA TYR B 153 13.89 13.63 -10.17
C TYR B 153 13.37 12.28 -10.52
N PHE B 154 14.28 11.36 -10.84
CA PHE B 154 13.92 10.01 -11.17
C PHE B 154 15.14 9.11 -11.01
N PRO B 155 15.02 7.93 -10.39
CA PRO B 155 13.86 7.34 -9.70
C PRO B 155 13.94 7.67 -8.22
N GLU B 156 13.02 7.11 -7.42
CA GLU B 156 13.06 7.26 -5.98
C GLU B 156 14.23 6.42 -5.39
N PRO B 157 14.79 6.78 -4.21
CA PRO B 157 14.39 7.87 -3.30
C PRO B 157 15.37 9.04 -3.24
N VAL B 158 14.93 10.12 -2.60
CA VAL B 158 15.74 11.29 -2.28
C VAL B 158 15.69 11.38 -0.76
N THR B 159 16.77 11.84 -0.11
CA THR B 159 16.78 12.02 1.34
C THR B 159 16.97 13.52 1.61
N VAL B 160 16.30 14.04 2.66
CA VAL B 160 16.34 15.46 3.00
C VAL B 160 16.64 15.61 4.47
N SER B 161 17.72 16.31 4.80
CA SER B 161 18.05 16.64 6.19
C SER B 161 18.23 18.16 6.28
N TRP B 162 18.14 18.69 7.50
CA TRP B 162 18.25 20.11 7.76
C TRP B 162 19.40 20.38 8.68
N ASN B 163 20.35 21.24 8.22
CA ASN B 163 21.57 21.59 8.95
C ASN B 163 22.36 20.33 9.28
N SER B 164 22.53 19.46 8.27
CA SER B 164 23.24 18.18 8.36
C SER B 164 22.71 17.27 9.49
N GLY B 165 21.39 17.26 9.69
CA GLY B 165 20.73 16.44 10.70
C GLY B 165 20.70 17.03 12.10
N ALA B 166 21.19 18.27 12.25
CA ALA B 166 21.19 18.96 13.54
C ALA B 166 19.85 19.62 13.84
N LEU B 167 18.92 19.68 12.86
CA LEU B 167 17.57 20.24 13.01
C LEU B 167 16.59 19.11 12.68
N THR B 168 15.96 18.58 13.74
CA THR B 168 15.00 17.46 13.71
C THR B 168 13.58 17.95 14.06
N SER B 169 13.44 18.71 15.17
CA SER B 169 12.13 19.23 15.62
C SER B 169 11.52 20.26 14.67
N GLY B 170 10.24 20.03 14.31
CA GLY B 170 9.48 20.90 13.42
C GLY B 170 9.55 20.53 11.95
N VAL B 171 10.33 19.47 11.60
CA VAL B 171 10.57 19.06 10.22
C VAL B 171 9.49 18.11 9.73
N HIS B 172 8.96 18.38 8.52
CA HIS B 172 7.99 17.53 7.84
C HIS B 172 8.43 17.38 6.38
N THR B 173 8.91 16.20 6.03
CA THR B 173 9.28 15.84 4.66
C THR B 173 8.09 15.03 4.13
N PHE B 174 7.48 15.53 3.07
CA PHE B 174 6.26 14.93 2.53
C PHE B 174 6.55 13.75 1.62
N PRO B 175 5.66 12.72 1.58
CA PRO B 175 5.85 11.61 0.61
C PRO B 175 5.98 12.16 -0.82
N ALA B 176 6.79 11.54 -1.69
CA ALA B 176 6.92 12.09 -3.03
C ALA B 176 5.64 11.92 -3.81
N VAL B 177 5.50 12.68 -4.88
CA VAL B 177 4.34 12.59 -5.77
C VAL B 177 4.86 12.35 -7.20
N LEU B 178 4.22 11.46 -7.98
CA LEU B 178 4.59 11.23 -9.38
C LEU B 178 3.77 12.21 -10.25
N GLN B 179 4.45 12.98 -11.09
CA GLN B 179 3.82 14.00 -11.94
C GLN B 179 3.45 13.45 -13.32
N SER B 180 2.64 14.20 -14.09
CA SER B 180 2.25 13.83 -15.45
C SER B 180 3.49 13.61 -16.36
N SER B 181 4.62 14.28 -16.05
CA SER B 181 5.90 14.12 -16.75
C SER B 181 6.58 12.76 -16.54
N GLY B 182 6.18 12.02 -15.50
CA GLY B 182 6.80 10.75 -15.15
C GLY B 182 7.97 10.93 -14.20
N LEU B 183 8.15 12.16 -13.64
CA LEU B 183 9.20 12.46 -12.68
C LEU B 183 8.55 12.76 -11.33
N TYR B 184 9.29 12.44 -10.24
CA TYR B 184 8.84 12.61 -8.86
C TYR B 184 9.07 14.02 -8.37
N SER B 185 8.22 14.46 -7.47
CA SER B 185 8.34 15.78 -6.86
C SER B 185 8.04 15.64 -5.36
N LEU B 186 8.77 16.38 -4.51
CA LEU B 186 8.67 16.28 -3.05
C LEU B 186 8.93 17.67 -2.34
N SER B 187 8.39 17.83 -1.13
CA SER B 187 8.58 19.05 -0.32
C SER B 187 9.10 18.70 1.06
N SER B 188 9.88 19.60 1.64
CA SER B 188 10.34 19.47 3.01
C SER B 188 10.19 20.80 3.65
N VAL B 189 9.50 20.88 4.77
CA VAL B 189 9.29 22.15 5.47
C VAL B 189 9.65 22.03 6.91
N VAL B 190 10.04 23.15 7.49
CA VAL B 190 10.38 23.22 8.91
C VAL B 190 9.72 24.48 9.49
N THR B 191 9.16 24.37 10.70
CA THR B 191 8.54 25.49 11.42
C THR B 191 9.51 25.89 12.52
N VAL B 192 9.85 27.20 12.58
CA VAL B 192 10.84 27.72 13.51
C VAL B 192 10.34 28.99 14.23
N PRO B 193 10.98 29.39 15.37
CA PRO B 193 10.58 30.67 16.00
C PRO B 193 10.95 31.83 15.08
N SER B 194 10.02 32.78 14.87
CA SER B 194 10.23 33.96 14.03
C SER B 194 11.44 34.82 14.50
N SER B 195 11.82 34.73 15.80
CA SER B 195 13.00 35.42 16.33
C SER B 195 14.30 34.81 15.76
N SER B 196 14.32 33.48 15.50
CA SER B 196 15.49 32.80 14.93
C SER B 196 15.77 33.15 13.46
N LEU B 197 14.83 33.79 12.75
CA LEU B 197 15.08 34.22 11.38
C LEU B 197 16.07 35.40 11.44
N GLY B 198 17.21 35.25 10.76
CA GLY B 198 18.26 36.26 10.75
C GLY B 198 19.46 35.84 11.57
N THR B 199 19.22 35.38 12.82
CA THR B 199 20.29 34.94 13.72
C THR B 199 20.79 33.52 13.42
N GLN B 200 19.96 32.66 12.76
CA GLN B 200 20.37 31.30 12.40
C GLN B 200 20.09 31.03 10.95
N THR B 201 20.99 30.28 10.30
CA THR B 201 20.88 29.90 8.89
C THR B 201 20.21 28.53 8.78
N TYR B 202 19.39 28.33 7.73
CA TYR B 202 18.69 27.06 7.48
C TYR B 202 19.07 26.56 6.10
N ILE B 203 19.63 25.34 6.03
CA ILE B 203 20.06 24.71 4.78
C ILE B 203 19.47 23.29 4.66
N CYS B 204 18.69 22.99 3.60
CA CYS B 204 18.24 21.61 3.37
C CYS B 204 19.27 20.90 2.53
N ASN B 205 19.72 19.73 3.00
CA ASN B 205 20.73 18.91 2.35
C ASN B 205 19.97 17.83 1.59
N VAL B 206 19.81 18.00 0.29
CA VAL B 206 19.09 17.05 -0.55
C VAL B 206 20.07 16.04 -1.15
N ASN B 207 19.81 14.75 -1.01
CA ASN B 207 20.68 13.70 -1.53
C ASN B 207 19.87 12.73 -2.41
N HIS B 208 20.30 12.50 -3.67
CA HIS B 208 19.69 11.57 -4.62
C HIS B 208 20.80 10.60 -5.08
N LYS B 209 20.90 9.43 -4.41
CA LYS B 209 21.93 8.42 -4.71
C LYS B 209 21.93 7.93 -6.17
N PRO B 210 20.76 7.60 -6.78
CA PRO B 210 20.75 7.12 -8.20
C PRO B 210 21.44 8.01 -9.24
N SER B 211 21.43 9.34 -9.07
CA SER B 211 22.08 10.27 -10.00
C SER B 211 23.37 10.85 -9.38
N ASN B 212 23.79 10.33 -8.20
CA ASN B 212 24.97 10.78 -7.47
C ASN B 212 24.93 12.31 -7.26
N THR B 213 23.72 12.82 -6.92
CA THR B 213 23.45 14.25 -6.72
C THR B 213 23.28 14.58 -5.24
N LYS B 214 24.18 15.43 -4.71
CA LYS B 214 24.10 15.97 -3.35
C LYS B 214 24.02 17.48 -3.54
N VAL B 215 23.02 18.14 -2.93
CA VAL B 215 22.83 19.59 -3.04
C VAL B 215 22.57 20.14 -1.65
N ASP B 216 23.10 21.36 -1.38
CA ASP B 216 22.89 22.08 -0.12
C ASP B 216 22.28 23.44 -0.50
N LYS B 217 21.00 23.66 -0.20
CA LYS B 217 20.32 24.92 -0.54
C LYS B 217 20.05 25.72 0.74
N LYS B 218 20.59 26.96 0.82
CA LYS B 218 20.35 27.85 1.96
C LYS B 218 18.99 28.52 1.75
N VAL B 219 18.09 28.38 2.73
CA VAL B 219 16.76 28.98 2.67
C VAL B 219 16.79 30.24 3.55
N GLU B 220 16.52 31.41 2.96
CA GLU B 220 16.53 32.64 3.74
C GLU B 220 15.37 33.56 3.30
N PRO B 221 14.96 34.51 4.15
CA PRO B 221 13.83 35.40 3.79
C PRO B 221 14.02 36.23 2.52
N LYS B 222 12.92 36.85 2.06
CA LYS B 222 12.75 37.68 0.85
C LYS B 222 12.28 36.83 -0.35
N ASP C 1 -13.72 -13.77 -10.11
CA ASP C 1 -13.05 -13.09 -9.00
C ASP C 1 -14.05 -12.73 -7.90
N VAL C 2 -13.72 -13.08 -6.63
CA VAL C 2 -14.55 -12.73 -5.48
C VAL C 2 -14.12 -11.31 -5.07
N GLN C 3 -15.04 -10.34 -5.03
CA GLN C 3 -14.74 -8.96 -4.62
C GLN C 3 -14.93 -8.82 -3.12
N ILE C 4 -14.00 -8.14 -2.43
CA ILE C 4 -14.11 -7.94 -0.99
C ILE C 4 -14.30 -6.49 -0.66
N THR C 5 -15.34 -6.16 0.14
CA THR C 5 -15.62 -4.79 0.56
C THR C 5 -15.32 -4.67 2.02
N GLN C 6 -14.12 -4.14 2.31
CA GLN C 6 -13.65 -3.93 3.67
C GLN C 6 -13.97 -2.51 4.12
N SER C 7 -14.58 -2.35 5.31
CA SER C 7 -14.89 -1.01 5.85
C SER C 7 -14.67 -0.97 7.37
N PRO C 8 -14.33 0.17 7.99
CA PRO C 8 -14.10 1.51 7.40
C PRO C 8 -12.69 1.60 6.83
N SER C 9 -12.43 2.55 5.94
CA SER C 9 -11.08 2.76 5.39
C SER C 9 -10.13 3.29 6.47
N TYR C 10 -10.62 4.21 7.33
CA TYR C 10 -9.86 4.81 8.43
C TYR C 10 -10.61 4.60 9.73
N LEU C 11 -9.90 4.41 10.83
CA LEU C 11 -10.54 4.23 12.15
C LEU C 11 -9.70 4.86 13.28
N ALA C 12 -10.23 5.93 13.94
CA ALA C 12 -9.54 6.58 15.06
C ALA C 12 -9.99 5.95 16.35
N ALA C 13 -9.03 5.46 17.16
CA ALA C 13 -9.30 4.80 18.45
C ALA C 13 -8.25 5.17 19.51
N SER C 14 -8.57 4.89 20.77
CA SER C 14 -7.69 5.17 21.92
C SER C 14 -7.28 3.83 22.54
N PRO C 15 -6.08 3.73 23.16
CA PRO C 15 -5.70 2.43 23.75
C PRO C 15 -6.67 2.02 24.87
N GLY C 16 -7.05 0.74 24.88
CA GLY C 16 -7.99 0.20 25.84
C GLY C 16 -9.40 0.05 25.29
N GLU C 17 -9.70 0.64 24.10
CA GLU C 17 -11.02 0.51 23.46
C GLU C 17 -11.09 -0.76 22.61
N THR C 18 -12.32 -1.14 22.29
CA THR C 18 -12.62 -2.32 21.49
C THR C 18 -13.10 -1.84 20.11
N ILE C 19 -12.50 -2.38 19.05
CA ILE C 19 -12.87 -1.96 17.69
C ILE C 19 -13.20 -3.18 16.82
N THR C 20 -13.94 -2.94 15.73
CA THR C 20 -14.35 -3.98 14.78
C THR C 20 -14.16 -3.51 13.35
N ILE C 21 -13.50 -4.34 12.51
CA ILE C 21 -13.31 -4.07 11.10
C ILE C 21 -14.25 -5.02 10.36
N ASN C 22 -15.01 -4.51 9.40
CA ASN C 22 -15.97 -5.30 8.65
C ASN C 22 -15.43 -5.72 7.29
N CYS C 23 -15.94 -6.83 6.78
CA CYS C 23 -15.46 -7.38 5.51
C CYS C 23 -16.60 -8.16 4.87
N ARG C 24 -17.03 -7.74 3.68
CA ARG C 24 -18.15 -8.36 2.95
C ARG C 24 -17.64 -8.91 1.64
N ALA C 25 -18.07 -10.13 1.28
CA ALA C 25 -17.72 -10.81 0.02
C ALA C 25 -18.88 -10.74 -1.00
N SER C 26 -18.55 -10.75 -2.30
CA SER C 26 -19.54 -10.69 -3.40
C SER C 26 -20.23 -12.03 -3.62
N LYS C 27 -19.65 -13.12 -3.10
CA LYS C 27 -20.26 -14.44 -3.16
C LYS C 27 -19.83 -15.23 -1.92
N ILE C 28 -20.54 -16.32 -1.62
CA ILE C 28 -20.34 -17.16 -0.42
C ILE C 28 -18.96 -17.80 -0.43
N ILE C 29 -18.20 -17.65 0.67
CA ILE C 29 -16.86 -18.23 0.80
C ILE C 29 -16.75 -19.12 2.05
N SER C 30 -17.88 -19.48 2.71
CA SER C 30 -17.88 -20.27 3.94
C SER C 30 -17.07 -19.50 5.02
N LYS C 31 -16.17 -20.16 5.75
CA LYS C 31 -15.35 -19.51 6.78
C LYS C 31 -14.00 -19.04 6.21
N TYR C 32 -13.74 -19.16 4.89
CA TYR C 32 -12.41 -18.95 4.34
C TYR C 32 -12.04 -17.48 4.05
N LEU C 33 -11.76 -16.78 5.15
CA LEU C 33 -11.28 -15.41 5.16
C LEU C 33 -10.14 -15.31 6.16
N ALA C 34 -9.01 -14.71 5.73
CA ALA C 34 -7.80 -14.42 6.53
C ALA C 34 -7.70 -12.90 6.79
N TRP C 35 -6.95 -12.49 7.83
CA TRP C 35 -6.73 -11.08 8.24
C TRP C 35 -5.25 -10.90 8.44
N TYR C 36 -4.72 -9.79 7.93
CA TYR C 36 -3.30 -9.48 7.99
C TYR C 36 -3.07 -8.18 8.67
N GLN C 37 -1.93 -8.05 9.40
CA GLN C 37 -1.48 -6.80 10.00
C GLN C 37 -0.16 -6.32 9.23
N GLU C 38 -0.16 -5.07 8.79
CA GLU C 38 1.01 -4.49 8.15
C GLU C 38 1.42 -3.21 8.88
N LYS C 39 2.62 -3.22 9.49
CA LYS C 39 3.19 -2.06 10.19
C LYS C 39 4.36 -1.57 9.34
N PRO C 40 4.71 -0.26 9.40
CA PRO C 40 5.86 0.22 8.60
C PRO C 40 7.16 -0.38 9.12
N GLY C 41 7.96 -0.95 8.22
CA GLY C 41 9.26 -1.56 8.53
C GLY C 41 9.27 -3.06 8.63
N LYS C 42 8.30 -3.66 9.34
CA LYS C 42 8.24 -5.11 9.54
C LYS C 42 7.47 -5.82 8.41
N THR C 43 7.66 -7.16 8.25
CA THR C 43 6.91 -7.94 7.23
C THR C 43 5.40 -8.02 7.56
N ILE C 44 4.60 -8.44 6.56
CA ILE C 44 3.16 -8.58 6.68
C ILE C 44 2.89 -9.82 7.55
N LYS C 45 2.08 -9.68 8.63
CA LYS C 45 1.80 -10.81 9.56
C LYS C 45 0.38 -11.33 9.45
N LEU C 46 0.23 -12.67 9.44
CA LEU C 46 -1.07 -13.34 9.41
C LEU C 46 -1.61 -13.38 10.85
N LEU C 47 -2.84 -12.86 11.07
CA LEU C 47 -3.45 -12.86 12.40
C LEU C 47 -4.36 -14.07 12.61
N ILE C 48 -5.30 -14.24 11.66
CA ILE C 48 -6.37 -15.22 11.66
C ILE C 48 -6.48 -15.80 10.26
N TYR C 49 -6.98 -17.02 10.14
CA TYR C 49 -7.26 -17.65 8.85
C TYR C 49 -8.44 -18.55 9.10
N SER C 50 -9.17 -18.89 8.03
CA SER C 50 -10.38 -19.69 8.08
C SER C 50 -11.39 -19.06 9.01
N GLY C 51 -11.54 -17.73 8.89
CA GLY C 51 -12.51 -16.93 9.61
C GLY C 51 -12.21 -16.60 11.07
N PHE C 52 -11.80 -17.63 11.85
CA PHE C 52 -11.62 -17.49 13.30
C PHE C 52 -10.45 -18.29 13.92
N THR C 53 -9.60 -18.98 13.11
CA THR C 53 -8.46 -19.70 13.68
C THR C 53 -7.34 -18.69 13.92
N LEU C 54 -7.03 -18.44 15.20
CA LEU C 54 -6.00 -17.50 15.62
C LEU C 54 -4.66 -18.17 15.30
N GLN C 55 -3.76 -17.45 14.60
CA GLN C 55 -2.46 -17.98 14.20
C GLN C 55 -1.58 -18.07 15.45
N SER C 56 -0.69 -19.07 15.56
CA SER C 56 0.15 -19.22 16.75
C SER C 56 1.05 -17.98 16.98
N GLY C 57 1.12 -17.53 18.22
CA GLY C 57 1.89 -16.36 18.63
C GLY C 57 1.10 -15.06 18.72
N ILE C 58 -0.10 -14.99 18.10
CA ILE C 58 -0.90 -13.76 18.04
C ILE C 58 -1.70 -13.61 19.35
N PRO C 59 -1.79 -12.38 19.94
CA PRO C 59 -2.56 -12.20 21.19
C PRO C 59 -4.07 -12.53 21.07
N SER C 60 -4.66 -13.09 22.13
CA SER C 60 -6.08 -13.45 22.19
C SER C 60 -7.07 -12.27 22.00
N ARG C 61 -6.62 -11.02 22.14
CA ARG C 61 -7.47 -9.84 21.91
C ARG C 61 -7.90 -9.66 20.43
N PHE C 62 -7.25 -10.38 19.47
CA PHE C 62 -7.61 -10.39 18.05
C PHE C 62 -8.57 -11.53 17.92
N SER C 63 -9.80 -11.28 17.45
CA SER C 63 -10.86 -12.30 17.39
C SER C 63 -11.71 -12.13 16.12
N GLY C 64 -11.74 -13.17 15.29
CA GLY C 64 -12.46 -13.17 14.04
C GLY C 64 -13.79 -13.88 14.13
N SER C 65 -14.77 -13.42 13.36
CA SER C 65 -16.09 -14.04 13.35
C SER C 65 -16.70 -13.98 11.94
N GLY C 66 -17.82 -14.65 11.78
CA GLY C 66 -18.57 -14.71 10.55
C GLY C 66 -18.33 -15.93 9.69
N SER C 67 -19.23 -16.12 8.76
CA SER C 67 -19.17 -17.18 7.79
C SER C 67 -20.13 -16.82 6.65
N GLY C 68 -19.90 -17.47 5.53
CA GLY C 68 -20.66 -17.24 4.33
C GLY C 68 -20.22 -16.02 3.58
N THR C 69 -20.84 -14.88 3.91
CA THR C 69 -20.62 -13.61 3.23
C THR C 69 -20.03 -12.51 4.15
N ASP C 70 -20.56 -12.28 5.38
CA ASP C 70 -20.09 -11.20 6.27
C ASP C 70 -19.13 -11.65 7.38
N PHE C 71 -18.01 -10.93 7.56
CA PHE C 71 -17.00 -11.22 8.56
C PHE C 71 -16.64 -9.97 9.36
N THR C 72 -16.07 -10.20 10.53
CA THR C 72 -15.64 -9.10 11.38
C THR C 72 -14.35 -9.50 12.08
N LEU C 73 -13.39 -8.57 12.17
CA LEU C 73 -12.18 -8.75 12.95
C LEU C 73 -12.40 -7.81 14.14
N THR C 74 -12.30 -8.32 15.39
CA THR C 74 -12.45 -7.49 16.60
C THR C 74 -11.17 -7.43 17.38
N ILE C 75 -10.73 -6.24 17.79
CA ILE C 75 -9.54 -6.05 18.62
C ILE C 75 -10.07 -5.45 19.92
N SER C 76 -9.94 -6.20 21.04
CA SER C 76 -10.46 -5.77 22.35
C SER C 76 -9.32 -5.21 23.16
N SER C 77 -9.61 -4.20 24.02
CA SER C 77 -8.62 -3.49 24.81
C SER C 77 -7.30 -3.24 24.02
N LEU C 78 -7.42 -2.37 23.00
CA LEU C 78 -6.34 -1.92 22.10
C LEU C 78 -5.02 -1.60 22.79
N GLU C 79 -3.92 -2.21 22.34
CA GLU C 79 -2.59 -1.94 22.86
C GLU C 79 -1.91 -0.93 21.91
N PRO C 80 -0.93 -0.10 22.37
CA PRO C 80 -0.25 0.83 21.45
C PRO C 80 0.44 0.20 20.22
N GLU C 81 0.80 -1.10 20.31
CA GLU C 81 1.44 -1.87 19.24
C GLU C 81 0.43 -2.28 18.10
N ASP C 82 -0.90 -2.11 18.31
CA ASP C 82 -1.94 -2.51 17.37
C ASP C 82 -2.37 -1.43 16.36
N PHE C 83 -1.86 -0.22 16.48
CA PHE C 83 -2.19 0.88 15.56
C PHE C 83 -1.39 0.60 14.27
N ALA C 84 -2.07 0.06 13.25
CA ALA C 84 -1.44 -0.41 12.04
C ALA C 84 -2.43 -0.45 10.90
N MET C 85 -2.03 -1.15 9.81
CA MET C 85 -2.83 -1.35 8.61
C MET C 85 -3.34 -2.79 8.60
N TYR C 86 -4.68 -3.02 8.50
CA TYR C 86 -5.27 -4.38 8.48
C TYR C 86 -5.90 -4.71 7.15
N TYR C 87 -5.69 -5.92 6.63
CA TYR C 87 -6.28 -6.35 5.36
C TYR C 87 -7.01 -7.68 5.50
N CYS C 88 -8.21 -7.85 4.89
CA CYS C 88 -8.84 -9.18 4.83
C CYS C 88 -8.53 -9.79 3.48
N GLN C 89 -8.63 -11.09 3.44
CA GLN C 89 -8.38 -11.83 2.20
C GLN C 89 -9.21 -13.10 2.15
N GLN C 90 -9.81 -13.39 0.99
CA GLN C 90 -10.51 -14.65 0.84
C GLN C 90 -9.47 -15.72 0.36
N HIS C 91 -9.50 -16.91 0.99
CA HIS C 91 -8.63 -18.00 0.57
C HIS C 91 -9.50 -19.22 0.24
N ASN C 92 -10.67 -18.95 -0.31
CA ASN C 92 -11.61 -19.97 -0.76
C ASN C 92 -11.23 -20.46 -2.18
N GLU C 93 -10.74 -19.55 -3.05
CA GLU C 93 -10.38 -19.85 -4.43
C GLU C 93 -9.36 -18.90 -5.02
N TYR C 94 -8.74 -19.34 -6.13
CA TYR C 94 -7.83 -18.53 -6.94
C TYR C 94 -8.68 -17.77 -7.97
N PRO C 95 -8.46 -16.46 -8.23
CA PRO C 95 -7.43 -15.57 -7.66
C PRO C 95 -7.70 -15.14 -6.22
N LEU C 96 -6.66 -15.22 -5.36
CA LEU C 96 -6.78 -14.77 -3.98
C LEU C 96 -7.03 -13.27 -4.03
N THR C 97 -8.07 -12.77 -3.40
CA THR C 97 -8.41 -11.34 -3.45
C THR C 97 -8.34 -10.75 -2.07
N PHE C 98 -8.04 -9.44 -2.00
CA PHE C 98 -7.87 -8.70 -0.77
C PHE C 98 -8.89 -7.58 -0.66
N GLY C 99 -9.17 -7.19 0.57
CA GLY C 99 -9.99 -6.01 0.85
C GLY C 99 -9.09 -4.79 0.70
N ALA C 100 -9.65 -3.58 0.60
CA ALA C 100 -8.82 -2.39 0.34
C ALA C 100 -7.87 -1.95 1.51
N GLY C 101 -8.15 -2.38 2.73
CA GLY C 101 -7.35 -2.05 3.89
C GLY C 101 -8.08 -1.11 4.86
N THR C 102 -7.66 -1.15 6.11
CA THR C 102 -8.18 -0.29 7.18
C THR C 102 -6.99 0.23 7.97
N LYS C 103 -6.78 1.54 7.98
CA LYS C 103 -5.71 2.14 8.77
C LYS C 103 -6.30 2.45 10.15
N LEU C 104 -5.76 1.80 11.20
CA LEU C 104 -6.19 2.06 12.59
C LEU C 104 -5.26 3.14 13.18
N GLU C 105 -5.77 4.39 13.26
CA GLU C 105 -5.04 5.58 13.69
C GLU C 105 -5.38 5.98 15.15
N ILE C 106 -4.51 6.81 15.77
CA ILE C 106 -4.62 7.23 17.19
C ILE C 106 -5.55 8.43 17.36
N LYS C 107 -6.58 8.32 18.19
CA LYS C 107 -7.49 9.44 18.42
C LYS C 107 -6.85 10.49 19.40
N ARG C 108 -7.05 11.77 19.07
CA ARG C 108 -6.63 12.90 19.89
C ARG C 108 -7.68 14.00 19.73
N THR C 109 -7.53 15.11 20.46
CA THR C 109 -8.46 16.24 20.40
C THR C 109 -8.28 17.00 19.10
N VAL C 110 -9.31 17.73 18.70
CA VAL C 110 -9.28 18.49 17.44
C VAL C 110 -8.22 19.57 17.48
N ALA C 111 -7.39 19.64 16.42
CA ALA C 111 -6.33 20.63 16.24
C ALA C 111 -6.49 21.27 14.84
N ALA C 112 -6.67 22.60 14.75
CA ALA C 112 -6.82 23.27 13.44
C ALA C 112 -5.42 23.48 12.82
N PRO C 113 -5.30 23.53 11.49
CA PRO C 113 -3.97 23.78 10.90
C PRO C 113 -3.54 25.24 10.94
N SER C 114 -2.23 25.47 10.81
CA SER C 114 -1.65 26.79 10.61
C SER C 114 -1.35 26.74 9.11
N VAL C 115 -1.97 27.64 8.31
CA VAL C 115 -1.86 27.67 6.85
C VAL C 115 -0.77 28.64 6.38
N PHE C 116 0.11 28.19 5.44
CA PHE C 116 1.14 29.02 4.85
C PHE C 116 1.08 28.90 3.34
N ILE C 117 1.22 30.02 2.61
CA ILE C 117 1.29 30.05 1.15
C ILE C 117 2.73 30.49 0.81
N PHE C 118 3.31 29.88 -0.23
CA PHE C 118 4.66 30.17 -0.69
C PHE C 118 4.61 30.49 -2.18
N PRO C 119 4.92 31.72 -2.63
CA PRO C 119 4.93 31.99 -4.09
C PRO C 119 6.10 31.24 -4.77
N PRO C 120 6.11 31.14 -6.11
CA PRO C 120 7.27 30.50 -6.76
C PRO C 120 8.56 31.28 -6.52
N SER C 121 9.72 30.61 -6.51
CA SER C 121 11.00 31.28 -6.33
C SER C 121 11.42 31.87 -7.69
N ASP C 122 12.33 32.85 -7.67
CA ASP C 122 12.81 33.43 -8.93
C ASP C 122 13.70 32.43 -9.69
N GLU C 123 14.46 31.58 -8.95
CA GLU C 123 15.29 30.53 -9.54
C GLU C 123 14.44 29.58 -10.39
N GLN C 124 13.26 29.19 -9.87
CA GLN C 124 12.35 28.29 -10.56
C GLN C 124 11.68 28.96 -11.76
N LEU C 125 11.32 30.25 -11.67
CA LEU C 125 10.70 30.98 -12.77
C LEU C 125 11.68 31.11 -13.94
N LYS C 126 12.97 31.29 -13.64
CA LYS C 126 14.06 31.36 -14.62
C LYS C 126 14.15 30.07 -15.47
N SER C 127 13.73 28.90 -14.92
CA SER C 127 13.77 27.61 -15.62
C SER C 127 12.42 27.16 -16.27
N GLY C 128 11.58 28.12 -16.68
CA GLY C 128 10.35 27.85 -17.44
C GLY C 128 9.09 27.38 -16.73
N THR C 129 9.12 27.07 -15.43
CA THR C 129 7.92 26.59 -14.72
C THR C 129 7.55 27.43 -13.48
N ALA C 130 6.42 27.12 -12.83
CA ALA C 130 5.94 27.86 -11.64
C ALA C 130 5.20 26.94 -10.67
N SER C 131 5.66 26.86 -9.39
CA SER C 131 5.00 26.05 -8.35
C SER C 131 4.61 26.91 -7.17
N VAL C 132 3.29 26.97 -6.89
CA VAL C 132 2.75 27.68 -5.72
C VAL C 132 2.44 26.58 -4.68
N VAL C 133 3.06 26.64 -3.50
CA VAL C 133 2.89 25.63 -2.45
C VAL C 133 2.05 26.21 -1.28
N CYS C 134 1.07 25.44 -0.80
CA CYS C 134 0.15 25.81 0.29
C CYS C 134 0.31 24.75 1.39
N LEU C 135 0.88 25.11 2.54
CA LEU C 135 1.15 24.19 3.66
C LEU C 135 0.11 24.28 4.79
N LEU C 136 -0.41 23.13 5.27
CA LEU C 136 -1.35 23.05 6.39
C LEU C 136 -0.59 22.24 7.43
N ASN C 137 -0.16 22.90 8.49
CA ASN C 137 0.68 22.26 9.47
C ASN C 137 -0.08 21.80 10.71
N ASN C 138 0.31 20.61 11.21
CA ASN C 138 -0.13 19.96 12.44
C ASN C 138 -1.61 20.11 12.80
N PHE C 139 -2.45 19.38 12.09
CA PHE C 139 -3.88 19.38 12.33
C PHE C 139 -4.38 17.97 12.61
N TYR C 140 -5.58 17.93 13.13
CA TYR C 140 -6.26 16.69 13.46
C TYR C 140 -7.78 16.99 13.55
N PRO C 141 -8.66 16.18 12.93
CA PRO C 141 -8.41 14.93 12.17
C PRO C 141 -7.88 15.16 10.74
N ARG C 142 -7.65 14.06 9.98
CA ARG C 142 -7.11 14.12 8.61
C ARG C 142 -8.02 14.83 7.57
N GLU C 143 -9.37 14.75 7.69
CA GLU C 143 -10.33 15.40 6.77
C GLU C 143 -10.04 16.91 6.67
N ALA C 144 -9.57 17.36 5.49
CA ALA C 144 -9.27 18.76 5.19
C ALA C 144 -9.48 19.04 3.68
N LYS C 145 -10.05 20.20 3.32
CA LYS C 145 -10.25 20.57 1.90
C LYS C 145 -9.36 21.77 1.57
N VAL C 146 -8.67 21.70 0.43
CA VAL C 146 -7.77 22.74 -0.06
C VAL C 146 -8.22 23.11 -1.47
N GLN C 147 -8.64 24.38 -1.70
CA GLN C 147 -9.08 24.83 -3.02
C GLN C 147 -8.24 25.99 -3.56
N TRP C 148 -7.51 25.77 -4.68
CA TRP C 148 -6.70 26.82 -5.32
C TRP C 148 -7.57 27.73 -6.24
N LYS C 149 -7.34 29.06 -6.21
CA LYS C 149 -8.03 30.00 -7.10
C LYS C 149 -7.00 30.92 -7.74
N VAL C 150 -7.14 31.18 -9.06
CA VAL C 150 -6.26 32.11 -9.78
C VAL C 150 -7.15 33.14 -10.44
N ASP C 151 -7.17 34.40 -9.93
CA ASP C 151 -8.07 35.49 -10.38
C ASP C 151 -9.52 35.03 -10.18
N ASN C 152 -9.81 34.44 -8.98
CA ASN C 152 -11.11 33.89 -8.57
C ASN C 152 -11.58 32.69 -9.41
N ALA C 153 -10.76 32.17 -10.32
CA ALA C 153 -11.11 31.04 -11.14
C ALA C 153 -10.64 29.80 -10.39
N LEU C 154 -11.59 28.93 -9.99
CA LEU C 154 -11.29 27.72 -9.24
C LEU C 154 -10.47 26.76 -10.13
N GLN C 155 -9.27 26.40 -9.66
CA GLN C 155 -8.38 25.50 -10.40
C GLN C 155 -8.80 24.05 -10.24
N SER C 156 -8.38 23.20 -11.19
CA SER C 156 -8.68 21.77 -11.17
C SER C 156 -7.83 21.05 -12.23
N GLY C 157 -7.28 19.90 -11.83
CA GLY C 157 -6.42 19.08 -12.69
C GLY C 157 -4.96 19.50 -12.74
N ASN C 158 -4.58 20.67 -12.14
CA ASN C 158 -3.19 21.18 -12.17
C ASN C 158 -2.51 21.23 -10.78
N SER C 159 -3.14 20.65 -9.73
CA SER C 159 -2.55 20.62 -8.39
C SER C 159 -2.42 19.16 -7.91
N GLN C 160 -1.55 18.94 -6.93
CA GLN C 160 -1.32 17.61 -6.32
C GLN C 160 -1.10 17.79 -4.83
N GLU C 161 -1.53 16.81 -4.05
CA GLU C 161 -1.54 16.81 -2.59
C GLU C 161 -0.68 15.67 -2.05
N SER C 162 -0.04 15.92 -0.92
CA SER C 162 0.79 14.93 -0.24
C SER C 162 0.54 15.13 1.24
N VAL C 163 0.32 14.06 1.99
CA VAL C 163 0.00 14.11 3.41
C VAL C 163 0.96 13.22 4.17
N THR C 164 1.38 13.69 5.36
CA THR C 164 2.29 12.94 6.20
C THR C 164 1.55 11.84 6.97
N GLU C 165 2.34 10.97 7.57
CA GLU C 165 1.82 9.96 8.44
C GLU C 165 1.51 10.68 9.76
N GLN C 166 0.59 10.13 10.55
CA GLN C 166 0.24 10.73 11.82
C GLN C 166 1.54 10.85 12.65
N ASP C 167 1.84 12.06 13.14
CA ASP C 167 3.08 12.32 13.90
C ASP C 167 3.20 11.42 15.14
N SER C 168 4.42 10.89 15.39
CA SER C 168 4.71 9.98 16.51
C SER C 168 4.60 10.67 17.88
N LYS C 169 5.04 11.95 17.97
CA LYS C 169 4.94 12.71 19.22
C LYS C 169 3.48 13.11 19.52
N ASP C 170 2.91 14.04 18.74
CA ASP C 170 1.59 14.66 18.98
C ASP C 170 0.38 14.15 18.15
N SER C 171 0.48 12.97 17.46
CA SER C 171 -0.64 12.33 16.73
C SER C 171 -1.40 13.24 15.73
N THR C 172 -0.68 14.11 15.09
CA THR C 172 -1.19 15.15 14.22
C THR C 172 -0.78 14.89 12.77
N TYR C 173 -1.34 15.65 11.84
CA TYR C 173 -1.06 15.52 10.40
C TYR C 173 -0.63 16.80 9.81
N SER C 174 0.08 16.73 8.68
CA SER C 174 0.48 17.93 7.91
C SER C 174 0.20 17.65 6.43
N LEU C 175 -0.08 18.70 5.65
CA LEU C 175 -0.45 18.51 4.25
C LEU C 175 0.24 19.50 3.38
N SER C 176 0.78 19.04 2.25
CA SER C 176 1.41 19.91 1.26
C SER C 176 0.62 19.82 -0.05
N SER C 177 0.18 20.96 -0.60
CA SER C 177 -0.51 21.06 -1.88
C SER C 177 0.30 21.99 -2.81
N THR C 178 0.67 21.51 -4.00
CA THR C 178 1.41 22.29 -4.99
C THR C 178 0.59 22.55 -6.26
N LEU C 179 0.38 23.82 -6.63
CA LEU C 179 -0.26 24.19 -7.90
C LEU C 179 0.88 24.40 -8.89
N THR C 180 0.98 23.58 -9.94
CA THR C 180 2.06 23.66 -10.92
C THR C 180 1.50 24.31 -12.21
N LEU C 181 2.22 25.33 -12.72
CA LEU C 181 1.81 26.15 -13.88
C LEU C 181 2.97 26.44 -14.78
N SER C 182 2.68 26.70 -16.07
CA SER C 182 3.72 27.11 -17.02
C SER C 182 4.12 28.55 -16.64
N LYS C 183 5.42 28.91 -16.79
CA LYS C 183 5.85 30.28 -16.45
C LYS C 183 5.06 31.31 -17.30
N ALA C 184 4.64 30.91 -18.52
CA ALA C 184 3.82 31.72 -19.41
C ALA C 184 2.46 32.09 -18.77
N ASP C 185 1.71 31.08 -18.30
CA ASP C 185 0.40 31.32 -17.67
C ASP C 185 0.51 31.90 -16.26
N TYR C 186 1.58 31.60 -15.50
CA TYR C 186 1.76 32.22 -14.20
C TYR C 186 1.79 33.77 -14.39
N GLU C 187 2.41 34.24 -15.49
CA GLU C 187 2.48 35.66 -15.82
C GLU C 187 1.16 36.24 -16.38
N LYS C 188 0.24 35.42 -16.92
CA LYS C 188 -1.06 35.89 -17.41
C LYS C 188 -1.93 36.50 -16.30
N HIS C 189 -1.91 35.89 -15.09
CA HIS C 189 -2.76 36.27 -13.96
C HIS C 189 -2.01 36.99 -12.85
N LYS C 190 -2.77 37.57 -11.90
CA LYS C 190 -2.27 38.40 -10.81
C LYS C 190 -2.40 37.78 -9.41
N VAL C 191 -3.63 37.41 -9.00
CA VAL C 191 -3.90 36.94 -7.64
C VAL C 191 -3.92 35.41 -7.50
N TYR C 192 -3.18 34.88 -6.51
CA TYR C 192 -3.05 33.46 -6.25
C TYR C 192 -3.54 33.21 -4.83
N ALA C 193 -4.57 32.35 -4.62
CA ALA C 193 -5.15 32.08 -3.30
C ALA C 193 -5.46 30.59 -3.04
N CYS C 194 -5.15 30.03 -1.83
CA CYS C 194 -5.60 28.67 -1.45
C CYS C 194 -6.61 28.81 -0.30
N GLU C 195 -7.86 28.32 -0.48
CA GLU C 195 -8.85 28.37 0.60
C GLU C 195 -8.86 27.01 1.31
N VAL C 196 -8.71 27.03 2.65
CA VAL C 196 -8.65 25.83 3.50
C VAL C 196 -9.94 25.64 4.32
N THR C 197 -10.44 24.40 4.35
CA THR C 197 -11.60 24.02 5.15
C THR C 197 -11.20 22.84 6.07
N HIS C 198 -11.35 23.01 7.37
CA HIS C 198 -11.03 21.99 8.37
C HIS C 198 -11.99 22.21 9.53
N GLN C 199 -12.40 21.15 10.23
CA GLN C 199 -13.35 21.28 11.35
C GLN C 199 -12.84 22.11 12.55
N GLY C 200 -11.51 22.18 12.73
CA GLY C 200 -10.91 22.99 13.79
C GLY C 200 -10.97 24.49 13.53
N LEU C 201 -11.25 24.91 12.26
CA LEU C 201 -11.36 26.33 11.89
C LEU C 201 -12.85 26.72 11.93
N SER C 202 -13.16 27.86 12.56
CA SER C 202 -14.52 28.42 12.70
C SER C 202 -15.19 28.68 11.33
N SER C 203 -14.43 29.25 10.38
CA SER C 203 -14.85 29.50 9.00
C SER C 203 -13.63 29.25 8.10
N PRO C 204 -13.84 28.95 6.79
CA PRO C 204 -12.68 28.68 5.91
C PRO C 204 -11.64 29.79 5.80
N VAL C 205 -10.35 29.42 5.88
CA VAL C 205 -9.21 30.35 5.85
C VAL C 205 -8.66 30.53 4.42
N THR C 206 -8.40 31.79 4.00
CA THR C 206 -7.78 32.08 2.70
C THR C 206 -6.40 32.67 2.92
N LYS C 207 -5.43 32.19 2.16
CA LYS C 207 -4.08 32.72 2.15
C LYS C 207 -3.84 33.07 0.72
N SER C 208 -3.36 34.28 0.44
CA SER C 208 -3.13 34.69 -0.95
C SER C 208 -1.98 35.66 -1.09
N PHE C 209 -1.62 35.93 -2.33
CA PHE C 209 -0.57 36.88 -2.67
C PHE C 209 -0.76 37.39 -4.11
N ASN C 210 -0.20 38.55 -4.40
CA ASN C 210 -0.18 39.14 -5.73
C ASN C 210 1.16 38.79 -6.34
N ARG C 211 1.17 38.32 -7.60
CA ARG C 211 2.40 38.03 -8.33
C ARG C 211 3.11 39.39 -8.48
N GLY C 212 4.28 39.54 -7.82
CA GLY C 212 5.06 40.78 -7.82
C GLY C 212 4.63 41.76 -6.74
#